data_9GSM
#
_entry.id   9GSM
#
_cell.length_a   44.194
_cell.length_b   38.124
_cell.length_c   72.870
_cell.angle_alpha   90.00
_cell.angle_beta   99.42
_cell.angle_gamma   90.00
#
_symmetry.space_group_name_H-M   'P 1 21 1'
#
loop_
_entity.id
_entity.type
_entity.pdbx_description
1 polymer 'Metalloprotease StcE'
2 polymer tetra-core1-glycopeptide
3 branched beta-D-galactopyranose-(1-3)-2-acetamido-2-deoxy-alpha-D-galactopyranose
4 water water
#
loop_
_entity_poly.entity_id
_entity_poly.type
_entity_poly.pdbx_seq_one_letter_code
_entity_poly.pdbx_strand_id
1 'polypeptide(L)'
;LPAKENEGCIVSVNSGKRYCLPVGQRSGYSLPDWIVGQEVYVDSGAKAKVLLSDWDNLSYNRIGEFVGNVNPADMKKVKA
WNGQYLDFSKPRSMRVVYK
;
A,B
2 'polypeptide(L)' AASTTTPAPA(NH2) M,N
#
# COMPACT_ATOMS: atom_id res chain seq x y z
N LEU A 1 -4.07 -10.81 7.99
CA LEU A 1 -5.13 -10.40 8.95
C LEU A 1 -4.67 -9.14 9.71
N PRO A 2 -5.41 -8.01 9.61
CA PRO A 2 -4.93 -6.72 10.12
C PRO A 2 -4.90 -6.58 11.65
N ALA A 3 -3.95 -5.76 12.13
CA ALA A 3 -3.72 -5.59 13.55
C ALA A 3 -4.96 -4.97 14.17
N LYS A 4 -5.29 -5.37 15.41
CA LYS A 4 -6.39 -4.73 16.11
C LYS A 4 -5.98 -3.35 16.58
N GLU A 5 -6.97 -2.54 16.98
CA GLU A 5 -6.78 -1.21 17.52
C GLU A 5 -5.63 -1.14 18.54
N ASN A 6 -5.60 -2.14 19.47
CA ASN A 6 -4.68 -2.08 20.59
C ASN A 6 -3.60 -3.14 20.52
N GLU A 7 -3.11 -3.37 19.30
CA GLU A 7 -2.15 -4.41 19.06
C GLU A 7 -1.19 -3.90 18.01
N GLY A 8 0.06 -4.35 18.10
CA GLY A 8 1.02 -4.09 17.03
C GLY A 8 1.64 -5.36 16.50
N CYS A 9 1.96 -5.36 15.20
CA CYS A 9 2.36 -6.62 14.56
C CYS A 9 3.57 -6.33 13.68
N ILE A 10 4.48 -7.29 13.63
CA ILE A 10 5.38 -7.41 12.49
C ILE A 10 5.00 -8.61 11.65
N VAL A 11 5.28 -8.54 10.35
CA VAL A 11 4.80 -9.53 9.41
C VAL A 11 5.96 -9.84 8.47
N SER A 12 6.33 -11.12 8.40
CA SER A 12 7.35 -11.60 7.45
C SER A 12 6.98 -11.23 6.02
N VAL A 13 7.87 -10.52 5.33
CA VAL A 13 7.66 -10.20 3.94
C VAL A 13 7.56 -11.49 3.11
N ASN A 14 8.44 -12.45 3.43
CA ASN A 14 8.58 -13.64 2.60
C ASN A 14 7.39 -14.60 2.77
N SER A 15 6.85 -14.71 4.00
CA SER A 15 5.92 -15.79 4.27
C SER A 15 4.55 -15.29 4.72
N GLY A 16 4.47 -14.04 5.19
CA GLY A 16 3.20 -13.54 5.67
C GLY A 16 2.95 -13.89 7.14
N LYS A 17 3.93 -14.50 7.78
CA LYS A 17 3.77 -14.98 9.14
C LYS A 17 3.84 -13.79 10.09
N ARG A 18 2.92 -13.76 11.07
CA ARG A 18 2.76 -12.58 11.91
C ARG A 18 3.27 -12.85 13.32
N TYR A 19 3.86 -11.78 13.93
CA TYR A 19 4.18 -11.74 15.33
C TYR A 19 3.52 -10.48 15.90
N CYS A 20 2.62 -10.68 16.89
CA CYS A 20 1.89 -9.51 17.39
C CYS A 20 1.90 -9.46 18.91
N LEU A 21 1.84 -8.24 19.40
CA LEU A 21 1.79 -7.97 20.83
C LEU A 21 0.73 -6.92 21.09
N PRO A 22 -0.11 -7.14 22.12
CA PRO A 22 -0.93 -6.05 22.60
C PRO A 22 -0.08 -4.91 23.17
N VAL A 23 -0.70 -3.73 23.18
CA VAL A 23 -0.18 -2.57 23.92
C VAL A 23 0.06 -2.98 25.36
N GLY A 24 1.26 -2.67 25.86
CA GLY A 24 1.67 -2.95 27.23
C GLY A 24 2.57 -4.17 27.39
N GLN A 25 2.87 -4.88 26.28
CA GLN A 25 3.69 -6.08 26.31
C GLN A 25 4.90 -5.92 25.38
N ARG A 26 5.99 -6.60 25.80
CA ARG A 26 7.19 -6.71 24.99
C ARG A 26 7.54 -8.18 24.75
N SER A 27 8.49 -8.38 23.84
CA SER A 27 8.97 -9.68 23.44
C SER A 27 9.89 -10.25 24.51
N GLY A 28 10.25 -11.51 24.34
CA GLY A 28 11.35 -12.09 25.11
C GLY A 28 12.66 -11.37 24.84
N TYR A 29 13.72 -11.88 25.44
CA TYR A 29 15.05 -11.36 25.20
C TYR A 29 15.30 -11.31 23.69
N SER A 30 14.86 -12.33 22.93
CA SER A 30 14.82 -12.27 21.46
C SER A 30 13.42 -12.68 20.98
N LEU A 31 13.08 -12.18 19.79
CA LEU A 31 11.93 -12.67 19.04
C LEU A 31 12.09 -14.18 18.87
N PRO A 32 10.99 -14.91 18.70
CA PRO A 32 11.09 -16.35 18.51
C PRO A 32 11.77 -16.75 17.19
N ASP A 33 12.21 -18.02 17.12
CA ASP A 33 13.06 -18.47 16.04
C ASP A 33 12.36 -18.37 14.69
N TRP A 34 11.04 -18.44 14.72
CA TRP A 34 10.24 -18.48 13.52
C TRP A 34 10.01 -17.12 12.87
N ILE A 35 10.46 -16.03 13.53
CA ILE A 35 10.41 -14.71 12.89
C ILE A 35 11.73 -13.94 13.00
N VAL A 36 12.57 -14.27 13.99
CA VAL A 36 13.71 -13.43 14.32
C VAL A 36 14.46 -13.27 13.01
N GLY A 37 14.81 -12.02 12.71
CA GLY A 37 15.78 -11.76 11.68
C GLY A 37 15.24 -11.93 10.27
N GLN A 38 13.95 -12.31 10.12
CA GLN A 38 13.28 -12.21 8.83
C GLN A 38 13.00 -10.72 8.58
N GLU A 39 13.09 -10.29 7.30
CA GLU A 39 12.64 -8.97 6.89
C GLU A 39 11.12 -8.90 7.05
N VAL A 40 10.66 -7.85 7.72
CA VAL A 40 9.27 -7.62 8.07
C VAL A 40 8.77 -6.28 7.52
N TYR A 41 7.45 -6.18 7.42
CA TYR A 41 6.76 -4.92 7.50
C TYR A 41 6.02 -4.80 8.84
N VAL A 42 5.72 -3.56 9.21
CA VAL A 42 4.96 -3.26 10.43
C VAL A 42 3.50 -3.08 10.06
N ASP A 43 2.62 -3.66 10.86
CA ASP A 43 1.21 -3.37 10.82
C ASP A 43 0.83 -3.01 12.26
N SER A 44 0.77 -1.71 12.57
CA SER A 44 0.44 -1.27 13.92
C SER A 44 -1.00 -0.76 13.95
N GLY A 45 -1.77 -1.28 14.90
CA GLY A 45 -3.17 -0.86 15.10
C GLY A 45 -3.27 0.63 15.39
N ALA A 46 -4.49 1.18 15.25
CA ALA A 46 -4.77 2.62 15.26
C ALA A 46 -4.33 3.32 16.54
N LYS A 47 -4.29 2.62 17.68
CA LYS A 47 -3.98 3.24 18.96
C LYS A 47 -2.61 2.78 19.47
N ALA A 48 -1.90 2.01 18.62
CA ALA A 48 -0.66 1.37 19.02
C ALA A 48 0.56 1.94 18.31
N LYS A 49 1.72 1.72 18.94
CA LYS A 49 3.00 2.08 18.36
C LYS A 49 3.97 0.93 18.64
N VAL A 50 4.67 0.52 17.57
CA VAL A 50 5.61 -0.57 17.64
C VAL A 50 7.00 0.01 17.84
N LEU A 51 7.68 -0.52 18.84
CA LEU A 51 9.07 -0.26 19.12
C LEU A 51 9.90 -1.47 18.73
N LEU A 52 10.84 -1.30 17.78
CA LEU A 52 11.76 -2.34 17.38
C LEU A 52 13.19 -2.05 17.80
N SER A 53 14.00 -3.11 18.02
CA SER A 53 15.45 -3.01 18.02
C SER A 53 16.06 -4.03 17.03
N ASP A 54 17.21 -3.67 16.45
CA ASP A 54 17.96 -4.60 15.62
C ASP A 54 18.78 -5.57 16.49
N TRP A 55 18.87 -5.27 17.79
CA TRP A 55 19.61 -6.11 18.72
C TRP A 55 18.61 -6.80 19.65
N ASP A 56 19.15 -7.75 20.41
CA ASP A 56 18.36 -8.44 21.43
C ASP A 56 18.00 -7.46 22.54
N ASN A 57 16.87 -7.77 23.23
CA ASN A 57 16.48 -7.15 24.50
C ASN A 57 16.35 -5.63 24.45
N LEU A 58 15.88 -5.09 23.32
CA LEU A 58 15.53 -3.68 23.23
C LEU A 58 16.62 -2.82 23.86
N SER A 59 17.88 -3.05 23.45
CA SER A 59 19.03 -2.70 24.26
C SER A 59 19.76 -1.46 23.74
N TYR A 60 20.43 -0.75 24.66
CA TYR A 60 21.34 0.36 24.39
C TYR A 60 20.64 1.48 23.60
N ASN A 61 19.32 1.65 23.83
CA ASN A 61 18.52 2.63 23.12
C ASN A 61 18.66 2.51 21.62
N ARG A 62 18.98 1.29 21.13
CA ARG A 62 18.90 1.00 19.72
C ARG A 62 17.45 0.72 19.35
N ILE A 63 16.60 1.75 19.43
CA ILE A 63 15.15 1.61 19.35
CA ILE A 63 15.15 1.61 19.35
C ILE A 63 14.59 2.53 18.28
N GLY A 64 13.76 1.99 17.40
CA GLY A 64 12.99 2.78 16.46
C GLY A 64 11.49 2.62 16.66
N GLU A 65 10.75 3.69 16.28
CA GLU A 65 9.32 3.81 16.50
C GLU A 65 8.55 3.78 15.19
N PHE A 66 7.51 2.93 15.14
CA PHE A 66 6.72 2.74 13.94
C PHE A 66 5.24 2.76 14.27
N VAL A 67 4.50 3.53 13.46
CA VAL A 67 3.07 3.62 13.58
C VAL A 67 2.43 3.32 12.22
N GLY A 68 1.20 2.79 12.25
CA GLY A 68 0.51 2.43 11.01
C GLY A 68 1.13 1.25 10.25
N ASN A 69 1.06 1.31 8.93
CA ASN A 69 1.62 0.28 8.07
C ASN A 69 2.91 0.80 7.43
N VAL A 70 4.05 0.19 7.77
CA VAL A 70 5.35 0.60 7.27
C VAL A 70 5.99 -0.53 6.48
N ASN A 71 6.46 -0.23 5.26
CA ASN A 71 7.17 -1.21 4.43
C ASN A 71 8.64 -1.25 4.80
N PRO A 72 9.35 -2.37 4.60
CA PRO A 72 10.74 -2.46 5.05
C PRO A 72 11.66 -1.41 4.44
N ALA A 73 11.34 -0.91 3.22
CA ALA A 73 12.18 0.11 2.62
C ALA A 73 12.34 1.31 3.55
N ASP A 74 11.26 1.62 4.28
CA ASP A 74 11.20 2.78 5.13
C ASP A 74 11.65 2.47 6.56
N MET A 75 12.27 1.30 6.78
CA MET A 75 12.80 0.93 8.12
C MET A 75 14.31 0.73 8.07
N LYS A 76 14.98 0.98 6.91
CA LYS A 76 16.40 0.67 6.77
C LYS A 76 17.31 1.74 7.40
N LYS A 77 16.81 3.00 7.39
CA LYS A 77 17.58 4.11 7.86
C LYS A 77 16.75 5.03 8.74
N VAL A 78 16.54 4.63 9.98
CA VAL A 78 15.59 5.30 10.86
C VAL A 78 16.34 5.80 12.09
N LYS A 79 16.10 7.06 12.45
CA LYS A 79 16.74 7.64 13.62
C LYS A 79 16.29 6.91 14.86
N ALA A 80 17.25 6.31 15.57
CA ALA A 80 16.96 5.54 16.75
C ALA A 80 16.86 6.45 17.99
N TRP A 81 16.38 5.89 19.10
CA TRP A 81 16.44 6.67 20.35
C TRP A 81 17.86 7.17 20.66
N ASN A 82 18.89 6.43 20.23
CA ASN A 82 20.26 6.75 20.58
C ASN A 82 20.89 7.70 19.55
N GLY A 83 20.13 8.20 18.57
CA GLY A 83 20.63 9.22 17.65
C GLY A 83 21.37 8.61 16.45
N GLN A 84 21.41 7.27 16.37
CA GLN A 84 22.01 6.55 15.25
C GLN A 84 20.89 6.27 14.25
N TYR A 85 21.27 6.10 12.99
CA TYR A 85 20.34 5.79 11.93
C TYR A 85 20.50 4.31 11.62
N LEU A 86 19.57 3.53 12.15
CA LEU A 86 19.69 2.07 12.11
C LEU A 86 18.71 1.46 11.10
N ASP A 87 18.89 0.13 10.92
CA ASP A 87 18.03 -0.67 10.07
C ASP A 87 17.23 -1.58 10.99
N PHE A 88 15.91 -1.42 10.99
CA PHE A 88 15.02 -2.17 11.87
C PHE A 88 14.18 -3.18 11.05
N SER A 89 14.51 -3.30 9.75
CA SER A 89 13.74 -4.19 8.88
C SER A 89 13.88 -5.67 9.27
N LYS A 90 14.92 -6.05 9.99
CA LYS A 90 15.14 -7.43 10.39
C LYS A 90 15.31 -7.43 11.90
N PRO A 91 14.22 -7.17 12.64
CA PRO A 91 14.29 -6.94 14.08
C PRO A 91 14.62 -8.16 14.91
N ARG A 92 15.18 -7.92 16.11
CA ARG A 92 15.46 -8.98 17.05
C ARG A 92 14.66 -8.86 18.35
N SER A 93 13.96 -7.73 18.55
CA SER A 93 13.15 -7.58 19.77
C SER A 93 12.12 -6.48 19.52
N MET A 94 11.10 -6.51 20.37
CA MET A 94 9.97 -5.63 20.10
C MET A 94 9.14 -5.31 21.36
N ARG A 95 8.54 -4.13 21.35
CA ARG A 95 7.58 -3.72 22.38
C ARG A 95 6.45 -2.94 21.70
N VAL A 96 5.23 -3.02 22.28
CA VAL A 96 4.09 -2.32 21.76
C VAL A 96 3.55 -1.43 22.88
N VAL A 97 3.41 -0.15 22.55
CA VAL A 97 3.00 0.90 23.48
C VAL A 97 1.84 1.65 22.85
N TYR A 98 1.20 2.49 23.65
CA TYR A 98 0.21 3.39 23.12
C TYR A 98 0.91 4.44 22.25
N LYS A 99 0.32 4.71 21.09
CA LYS A 99 0.69 5.84 20.26
C LYS A 99 0.37 7.17 20.97
N LEU B 1 3.63 11.20 -9.66
CA LEU B 1 3.33 10.96 -8.21
C LEU B 1 2.34 9.81 -8.10
N PRO B 2 2.71 8.70 -7.39
CA PRO B 2 1.95 7.44 -7.46
C PRO B 2 0.59 7.46 -6.77
N ALA B 3 -0.33 6.62 -7.28
CA ALA B 3 -1.70 6.58 -6.81
C ALA B 3 -1.70 6.08 -5.36
N LYS B 4 -2.57 6.64 -4.52
CA LYS B 4 -2.71 6.14 -3.16
C LYS B 4 -3.41 4.79 -3.17
N GLU B 5 -3.36 4.09 -2.02
CA GLU B 5 -3.97 2.78 -1.84
C GLU B 5 -5.42 2.74 -2.34
N ASN B 6 -6.21 3.79 -2.02
CA ASN B 6 -7.64 3.78 -2.32
C ASN B 6 -7.99 4.78 -3.40
N GLU B 7 -7.12 4.91 -4.41
CA GLU B 7 -7.31 5.86 -5.48
C GLU B 7 -6.88 5.21 -6.78
N GLY B 8 -7.54 5.57 -7.87
CA GLY B 8 -7.09 5.15 -9.19
C GLY B 8 -6.86 6.33 -10.11
N CYS B 9 -5.86 6.22 -10.97
CA CYS B 9 -5.44 7.36 -11.78
C CYS B 9 -5.26 6.90 -13.21
N ILE B 10 -5.56 7.80 -14.14
CA ILE B 10 -5.04 7.76 -15.50
C ILE B 10 -4.06 8.91 -15.65
N VAL B 11 -3.06 8.69 -16.50
CA VAL B 11 -1.98 9.65 -16.65
C VAL B 11 -1.71 9.80 -18.14
N SER B 12 -1.78 11.05 -18.64
CA SER B 12 -1.39 11.39 -20.02
C SER B 12 0.02 10.91 -20.31
N VAL B 13 0.15 10.10 -21.36
CA VAL B 13 1.46 9.63 -21.79
C VAL B 13 2.29 10.85 -22.21
N ASN B 14 1.67 11.78 -22.92
CA ASN B 14 2.40 12.87 -23.55
C ASN B 14 2.87 13.91 -22.53
N SER B 15 2.10 14.13 -21.47
CA SER B 15 2.34 15.32 -20.63
C SER B 15 2.56 14.96 -19.18
N GLY B 16 2.12 13.77 -18.77
CA GLY B 16 2.29 13.38 -17.38
C GLY B 16 1.13 13.87 -16.51
N LYS B 17 0.13 14.50 -17.12
CA LYS B 17 -0.97 15.09 -16.39
C LYS B 17 -1.88 13.99 -15.87
N ARG B 18 -2.28 14.09 -14.59
CA ARG B 18 -2.98 13.01 -13.92
C ARG B 18 -4.45 13.38 -13.74
N TYR B 19 -5.31 12.35 -13.89
CA TYR B 19 -6.71 12.40 -13.49
C TYR B 19 -6.96 11.24 -12.53
N CYS B 20 -7.42 11.57 -11.31
CA CYS B 20 -7.54 10.54 -10.30
C CYS B 20 -8.88 10.66 -9.60
N LEU B 21 -9.34 9.48 -9.18
CA LEU B 21 -10.56 9.35 -8.41
C LEU B 21 -10.31 8.40 -7.25
N PRO B 22 -10.78 8.77 -6.05
CA PRO B 22 -10.90 7.78 -5.00
C PRO B 22 -11.90 6.67 -5.36
N VAL B 23 -11.68 5.52 -4.74
CA VAL B 23 -12.67 4.44 -4.70
C VAL B 23 -14.02 4.99 -4.26
N GLY B 24 -15.05 4.69 -5.06
CA GLY B 24 -16.43 5.07 -4.80
C GLY B 24 -16.92 6.26 -5.64
N GLN B 25 -16.04 6.83 -6.49
CA GLN B 25 -16.36 7.97 -7.33
C GLN B 25 -16.13 7.66 -8.79
N ARG B 26 -16.96 8.30 -9.62
CA ARG B 26 -16.86 8.25 -11.06
C ARG B 26 -16.75 9.68 -11.61
N SER B 27 -16.38 9.75 -12.89
CA SER B 27 -16.21 10.97 -13.63
C SER B 27 -17.58 11.57 -13.96
N GLY B 28 -17.54 12.79 -14.49
CA GLY B 28 -18.70 13.35 -15.13
C GLY B 28 -19.13 12.53 -16.34
N TYR B 29 -20.14 13.06 -17.03
CA TYR B 29 -20.60 12.44 -18.25
C TYR B 29 -19.42 12.18 -19.17
N SER B 30 -18.46 13.14 -19.25
CA SER B 30 -17.18 12.94 -19.92
C SER B 30 -16.07 13.39 -18.99
N LEU B 31 -14.88 12.82 -19.21
CA LEU B 31 -13.66 13.33 -18.61
C LEU B 31 -13.52 14.81 -18.97
N PRO B 32 -12.79 15.59 -18.17
CA PRO B 32 -12.57 17.00 -18.49
C PRO B 32 -11.70 17.20 -19.74
N ASP B 33 -11.79 18.40 -20.33
CA ASP B 33 -11.22 18.69 -21.63
C ASP B 33 -9.70 18.53 -21.61
N TRP B 34 -9.12 18.68 -20.44
CA TRP B 34 -7.66 18.67 -20.28
C TRP B 34 -7.08 17.25 -20.23
N ILE B 35 -7.93 16.19 -20.20
CA ILE B 35 -7.42 14.83 -20.33
C ILE B 35 -8.18 14.01 -21.37
N VAL B 36 -9.44 14.38 -21.69
CA VAL B 36 -10.32 13.53 -22.46
C VAL B 36 -9.54 13.21 -23.72
N GLY B 37 -9.53 11.93 -24.08
CA GLY B 37 -9.11 11.54 -25.40
C GLY B 37 -7.59 11.60 -25.61
N GLN B 38 -6.82 12.03 -24.59
CA GLN B 38 -5.39 11.80 -24.58
C GLN B 38 -5.16 10.30 -24.34
N GLU B 39 -4.11 9.74 -24.99
CA GLU B 39 -3.59 8.43 -24.64
C GLU B 39 -3.02 8.47 -23.23
N VAL B 40 -3.42 7.50 -22.39
CA VAL B 40 -3.05 7.39 -21.00
C VAL B 40 -2.43 6.03 -20.67
N TYR B 41 -1.72 6.00 -19.55
CA TYR B 41 -1.48 4.78 -18.82
C TYR B 41 -2.29 4.81 -17.52
N VAL B 42 -2.52 3.62 -16.97
CA VAL B 42 -3.23 3.47 -15.69
C VAL B 42 -2.23 3.36 -14.55
N ASP B 43 -2.49 4.09 -13.47
CA ASP B 43 -1.80 3.87 -12.22
C ASP B 43 -2.90 3.65 -11.18
N SER B 44 -3.22 2.38 -10.88
CA SER B 44 -4.25 2.10 -9.89
C SER B 44 -3.63 1.66 -8.56
N GLY B 45 -4.05 2.31 -7.47
CA GLY B 45 -3.58 2.00 -6.12
C GLY B 45 -3.90 0.55 -5.74
N ALA B 46 -3.23 0.06 -4.69
CA ALA B 46 -3.20 -1.34 -4.31
C ALA B 46 -4.58 -1.94 -4.04
N LYS B 47 -5.55 -1.14 -3.57
CA LYS B 47 -6.86 -1.62 -3.21
C LYS B 47 -7.92 -1.18 -4.21
N ALA B 48 -7.48 -0.55 -5.31
CA ALA B 48 -8.37 0.08 -6.26
C ALA B 48 -8.38 -0.62 -7.61
N LYS B 49 -9.48 -0.38 -8.35
CA LYS B 49 -9.61 -0.90 -9.69
C LYS B 49 -10.26 0.20 -10.53
N VAL B 50 -9.63 0.44 -11.70
CA VAL B 50 -10.07 1.47 -12.59
C VAL B 50 -10.94 0.84 -13.64
N LEU B 51 -12.12 1.42 -13.80
CA LEU B 51 -13.05 1.09 -14.86
C LEU B 51 -13.05 2.24 -15.87
N LEU B 52 -12.69 1.93 -17.13
CA LEU B 52 -12.69 2.91 -18.20
C LEU B 52 -13.76 2.59 -19.23
N SER B 53 -14.29 3.62 -19.93
CA SER B 53 -15.02 3.41 -21.19
C SER B 53 -14.38 4.24 -22.31
N ASP B 54 -14.46 3.76 -23.56
CA ASP B 54 -14.03 4.57 -24.68
C ASP B 54 -15.13 5.57 -25.10
N TRP B 55 -16.34 5.39 -24.53
CA TRP B 55 -17.45 6.29 -24.80
C TRP B 55 -17.76 7.11 -23.55
N ASP B 56 -18.63 8.09 -23.73
CA ASP B 56 -19.08 8.92 -22.63
C ASP B 56 -20.00 8.11 -21.73
N ASN B 57 -20.00 8.50 -20.45
CA ASN B 57 -20.97 8.09 -19.44
C ASN B 57 -20.94 6.59 -19.17
N LEU B 58 -19.75 5.97 -19.29
CA LEU B 58 -19.58 4.58 -18.88
C LEU B 58 -20.72 3.71 -19.45
N SER B 59 -20.97 3.85 -20.75
CA SER B 59 -22.25 3.50 -21.34
C SER B 59 -22.20 2.17 -22.11
N TYR B 60 -23.37 1.51 -22.18
CA TYR B 60 -23.63 0.33 -23.00
C TYR B 60 -22.68 -0.82 -22.66
N ASN B 61 -22.25 -0.89 -21.40
CA ASN B 61 -21.30 -1.90 -20.94
C ASN B 61 -20.03 -1.93 -21.78
N ARG B 62 -19.70 -0.80 -22.42
CA ARG B 62 -18.40 -0.62 -23.03
C ARG B 62 -17.37 -0.26 -21.96
N ILE B 63 -17.06 -1.22 -21.09
CA ILE B 63 -16.29 -1.00 -19.89
C ILE B 63 -15.16 -1.99 -19.81
N GLY B 64 -13.95 -1.50 -19.52
CA GLY B 64 -12.83 -2.38 -19.24
C GLY B 64 -12.24 -2.11 -17.85
N GLU B 65 -11.63 -3.16 -17.29
CA GLU B 65 -11.13 -3.20 -15.94
C GLU B 65 -9.62 -3.27 -15.90
N PHE B 66 -9.01 -2.38 -15.08
CA PHE B 66 -7.57 -2.24 -14.97
C PHE B 66 -7.14 -2.14 -13.52
N VAL B 67 -6.15 -2.99 -13.19
CA VAL B 67 -5.52 -2.93 -11.90
C VAL B 67 -4.02 -2.73 -12.04
N GLY B 68 -3.41 -2.12 -11.00
CA GLY B 68 -1.98 -1.86 -10.98
C GLY B 68 -1.55 -0.79 -12.00
N ASN B 69 -0.34 -0.97 -12.56
CA ASN B 69 0.20 -0.05 -13.55
C ASN B 69 0.10 -0.69 -14.92
N VAL B 70 -0.71 -0.11 -15.83
CA VAL B 70 -0.92 -0.66 -17.17
C VAL B 70 -0.47 0.35 -18.22
N ASN B 71 0.33 -0.10 -19.19
CA ASN B 71 0.76 0.76 -20.29
C ASN B 71 -0.29 0.77 -21.39
N PRO B 72 -0.40 1.83 -22.22
CA PRO B 72 -1.47 1.89 -23.22
C PRO B 72 -1.42 0.73 -24.21
N ALA B 73 -0.24 0.11 -24.43
CA ALA B 73 -0.15 -0.98 -25.38
C ALA B 73 -1.12 -2.08 -24.99
N ASP B 74 -1.28 -2.26 -23.67
CA ASP B 74 -2.05 -3.36 -23.11
C ASP B 74 -3.49 -2.94 -22.84
N MET B 75 -3.91 -1.79 -23.41
CA MET B 75 -5.30 -1.32 -23.26
C MET B 75 -5.97 -1.21 -24.64
N LYS B 76 -5.29 -1.61 -25.75
CA LYS B 76 -5.86 -1.39 -27.07
C LYS B 76 -6.92 -2.43 -27.47
N LYS B 77 -6.78 -3.67 -26.93
CA LYS B 77 -7.64 -4.78 -27.31
C LYS B 77 -8.00 -5.57 -26.07
N VAL B 78 -8.98 -5.07 -25.34
CA VAL B 78 -9.32 -5.57 -24.02
C VAL B 78 -10.79 -5.95 -24.02
N LYS B 79 -11.09 -7.15 -23.52
CA LYS B 79 -12.46 -7.63 -23.46
C LYS B 79 -13.27 -6.76 -22.53
N ALA B 80 -14.33 -6.15 -23.09
CA ALA B 80 -15.18 -5.28 -22.34
C ALA B 80 -16.27 -6.05 -21.58
N TRP B 81 -16.97 -5.37 -20.67
CA TRP B 81 -18.13 -6.01 -20.03
C TRP B 81 -19.12 -6.59 -21.05
N ASN B 82 -19.21 -5.98 -22.25
CA ASN B 82 -20.19 -6.34 -23.25
C ASN B 82 -19.65 -7.43 -24.20
N GLY B 83 -18.45 -7.97 -23.95
CA GLY B 83 -17.91 -9.05 -24.76
C GLY B 83 -17.16 -8.60 -26.02
N GLN B 84 -17.10 -7.29 -26.25
CA GLN B 84 -16.34 -6.70 -27.36
C GLN B 84 -14.91 -6.45 -26.91
N TYR B 85 -13.98 -6.43 -27.86
CA TYR B 85 -12.59 -6.17 -27.58
C TYR B 85 -12.31 -4.73 -28.02
N LEU B 86 -12.27 -3.84 -27.02
CA LEU B 86 -12.19 -2.41 -27.29
C LEU B 86 -10.81 -1.86 -26.94
N ASP B 87 -10.64 -0.56 -27.29
CA ASP B 87 -9.43 0.19 -27.01
C ASP B 87 -9.80 1.21 -25.95
N PHE B 88 -9.16 1.09 -24.77
CA PHE B 88 -9.44 1.98 -23.64
C PHE B 88 -8.29 2.96 -23.44
N SER B 89 -7.31 2.97 -24.36
CA SER B 89 -6.11 3.78 -24.18
C SER B 89 -6.43 5.27 -24.26
N LYS B 90 -7.57 5.65 -24.87
CA LYS B 90 -7.98 7.03 -25.02
C LYS B 90 -9.38 7.15 -24.42
N PRO B 91 -9.50 6.99 -23.10
CA PRO B 91 -10.81 6.95 -22.42
C PRO B 91 -11.61 8.25 -22.41
N ARG B 92 -12.94 8.11 -22.33
CA ARG B 92 -13.82 9.26 -22.28
C ARG B 92 -14.58 9.30 -20.94
N SER B 93 -14.49 8.24 -20.14
CA SER B 93 -15.17 8.23 -18.84
C SER B 93 -14.52 7.19 -17.93
N MET B 94 -14.74 7.39 -16.63
CA MET B 94 -14.01 6.56 -15.67
C MET B 94 -14.73 6.39 -14.32
N ARG B 95 -14.53 5.23 -13.72
CA ARG B 95 -15.00 4.97 -12.35
C ARG B 95 -13.91 4.20 -11.60
N VAL B 96 -13.81 4.43 -10.27
CA VAL B 96 -12.85 3.71 -9.45
C VAL B 96 -13.63 2.99 -8.35
N VAL B 97 -13.36 1.69 -8.28
CA VAL B 97 -14.04 0.77 -7.37
C VAL B 97 -12.98 0.01 -6.60
N TYR B 98 -13.41 -0.71 -5.57
CA TYR B 98 -12.50 -1.58 -4.86
C TYR B 98 -12.16 -2.76 -5.77
N LYS B 99 -10.88 -3.10 -5.79
CA LYS B 99 -10.40 -4.34 -6.40
C LYS B 99 -10.96 -5.58 -5.66
N ALA C 1 18.46 3.07 33.36
CA ALA C 1 19.27 3.29 32.15
C ALA C 1 18.74 2.39 31.03
N ALA C 2 19.45 2.34 29.88
CA ALA C 2 19.00 1.51 28.76
C ALA C 2 19.12 0.00 29.15
N SER C 3 18.28 -0.80 28.52
CA SER C 3 18.41 -2.25 28.71
C SER C 3 19.78 -2.69 28.15
N THR C 4 20.32 -3.79 28.72
CA THR C 4 21.64 -4.30 28.23
C THR C 4 21.46 -5.78 27.78
N THR C 5 22.54 -6.32 27.21
CA THR C 5 22.60 -7.71 26.81
C THR C 5 23.80 -8.33 27.54
N THR C 6 23.92 -9.65 27.41
CA THR C 6 25.09 -10.41 27.93
C THR C 6 25.47 -11.47 26.90
N PRO C 7 26.74 -11.94 26.95
CA PRO C 7 27.26 -13.02 26.02
C PRO C 7 26.66 -14.30 26.32
N ALA C 8 26.35 -15.08 25.27
CA ALA C 8 25.71 -16.40 25.53
C ALA C 8 26.74 -17.31 26.26
N PRO C 9 26.28 -18.08 27.27
CA PRO C 9 27.16 -19.05 28.03
C PRO C 9 27.41 -20.19 27.21
N ALA C 10 28.48 -20.99 27.48
CA ALA C 10 28.71 -22.25 26.68
C ALA C 10 27.59 -23.30 27.08
N ALA D 1 -30.20 -2.42 -16.64
CA ALA D 1 -29.66 -1.92 -17.89
C ALA D 1 -28.38 -1.11 -17.60
N ALA D 2 -27.62 -1.05 -18.68
CA ALA D 2 -26.40 -0.28 -18.71
C ALA D 2 -26.74 1.24 -18.70
N SER D 3 -25.70 2.06 -18.45
CA SER D 3 -25.81 3.51 -18.58
C SER D 3 -25.96 3.81 -20.05
N THR D 4 -26.70 4.91 -20.35
CA THR D 4 -26.99 5.28 -21.73
C THR D 4 -26.45 6.69 -21.97
N THR D 5 -26.50 7.13 -23.23
CA THR D 5 -26.08 8.49 -23.63
C THR D 5 -27.28 9.12 -24.39
N THR D 6 -27.15 10.41 -24.74
CA THR D 6 -28.13 11.15 -25.58
C THR D 6 -27.37 12.01 -26.61
N PRO D 7 -28.01 12.31 -27.74
CA PRO D 7 -27.39 13.14 -28.90
C PRO D 7 -27.00 14.50 -28.56
N ALA D 8 -26.18 15.12 -29.42
#